data_4ONZ
#
_entry.id   4ONZ
#
_cell.length_a   79.575
_cell.length_b   50.331
_cell.length_c   85.631
_cell.angle_alpha   90.000
_cell.angle_beta   94.380
_cell.angle_gamma   90.000
#
_symmetry.space_group_name_H-M   'C 1 2 1'
#
loop_
_entity.id
_entity.type
_entity.pdbx_description
1 polymer 'putative glycoside hydrolase'
2 non-polymer 'UNKNOWN LIGAND'
3 non-polymer 'CHLORIDE ION'
4 water water
#
_entity_poly.entity_id   1
_entity_poly.type   'polypeptide(L)'
_entity_poly.pdbx_seq_one_letter_code
;GLDTNQEKQDNNWVIGPFLRPEGVNPVISPQPTEFYCP(MSE)RKQQVKWEESDTFNPAATVKDGKIVVLYRAEDNSAQG
IGKRTSRVGYAESKDGIE(MSE)KRLDNPVLFPAEDNFKDQDWPGGCEDPRVA(MSE)TEDGLYV(MSE)LYTAWNRKKA
RLAVATSRDLKNWTKHGLAFDKAYNGRFNNLFCKSGSILTKLKGNQLVIDKVNGKYF(MSE)YWGEHAIYAATSDNLIDW
YPVLDEKNEL(MSE)KIIQPRKGHFDSLLTECGPPAIRTKHGIVLVYNGKNSGKTGDANYPGNAYCAGQLLLDGNDPYKV
LDRLDKPFFAPEAPFEKSGQYKDGTVFIEGLVYHKKKLYLYYGCADSQVAVAVCDDVKKLKTK
;
_entity_poly.pdbx_strand_id   A
#
loop_
_chem_comp.id
_chem_comp.type
_chem_comp.name
_chem_comp.formula
CL non-polymer 'CHLORIDE ION' 'Cl -1'
UNL non-polymer 'UNKNOWN LIGAND' ?
#
# COMPACT_ATOMS: atom_id res chain seq x y z
N ASN A 11 -15.83 -9.39 17.16
CA ASN A 11 -14.66 -9.22 16.25
C ASN A 11 -14.01 -10.55 15.81
N ASN A 12 -14.85 -11.50 15.41
CA ASN A 12 -14.39 -12.79 14.91
C ASN A 12 -13.85 -12.69 13.47
N TRP A 13 -14.20 -11.60 12.78
CA TRP A 13 -13.79 -11.35 11.39
C TRP A 13 -12.45 -10.62 11.25
N VAL A 14 -11.92 -10.09 12.35
CA VAL A 14 -10.70 -9.29 12.33
C VAL A 14 -9.47 -10.15 12.02
N ILE A 15 -8.61 -9.67 11.14
CA ILE A 15 -7.40 -10.40 10.79
C ILE A 15 -6.34 -10.02 11.83
N GLY A 16 -5.76 -11.03 12.45
CA GLY A 16 -4.75 -10.83 13.48
C GLY A 16 -4.86 -11.88 14.57
N PRO A 17 -4.14 -11.69 15.69
CA PRO A 17 -3.27 -10.55 15.95
C PRO A 17 -1.94 -10.63 15.21
N PHE A 18 -1.37 -9.48 14.87
CA PHE A 18 -0.07 -9.39 14.24
C PHE A 18 0.93 -9.02 15.33
N LEU A 19 1.92 -9.88 15.54
CA LEU A 19 2.92 -9.66 16.59
C LEU A 19 4.28 -9.31 15.98
N ARG A 20 4.95 -8.33 16.59
CA ARG A 20 6.28 -7.92 16.15
C ARG A 20 7.28 -8.97 16.64
N PRO A 21 8.06 -9.61 15.73
CA PRO A 21 9.03 -10.58 16.24
C PRO A 21 10.12 -9.86 17.03
N GLU A 22 10.41 -10.33 18.23
CA GLU A 22 11.37 -9.65 19.09
CA GLU A 22 11.40 -9.67 19.10
C GLU A 22 12.75 -9.45 18.44
N GLY A 23 13.26 -8.23 18.55
CA GLY A 23 14.58 -7.85 18.07
C GLY A 23 14.88 -7.78 16.60
N VAL A 24 13.91 -8.03 15.73
CA VAL A 24 14.19 -8.05 14.28
C VAL A 24 13.96 -6.72 13.59
N ASN A 25 13.17 -5.84 14.20
CA ASN A 25 12.82 -4.58 13.55
C ASN A 25 13.69 -3.39 13.91
N PRO A 26 13.91 -2.47 12.94
CA PRO A 26 13.38 -2.47 11.57
C PRO A 26 14.12 -3.44 10.63
N VAL A 27 13.43 -3.94 9.62
CA VAL A 27 14.02 -4.88 8.66
C VAL A 27 14.70 -4.19 7.45
N ILE A 28 14.32 -2.94 7.15
CA ILE A 28 14.94 -2.17 6.06
C ILE A 28 15.15 -0.74 6.56
N SER A 29 16.39 -0.29 6.50
CA SER A 29 16.79 1.04 6.94
C SER A 29 17.60 1.75 5.84
N PRO A 30 17.67 3.09 5.89
CA PRO A 30 18.39 3.83 4.86
C PRO A 30 19.89 3.54 4.82
N GLN A 31 20.48 3.73 3.64
CA GLN A 31 21.89 3.48 3.37
C GLN A 31 22.37 4.50 2.34
N PRO A 32 23.68 4.76 2.28
CA PRO A 32 24.19 5.74 1.30
C PRO A 32 24.45 5.15 -0.10
N THR A 33 23.84 4.01 -0.41
CA THR A 33 24.00 3.33 -1.71
C THR A 33 23.68 4.25 -2.88
N GLU A 34 24.52 4.22 -3.91
CA GLU A 34 24.35 5.06 -5.10
C GLU A 34 23.86 4.32 -6.33
N PHE A 35 23.27 5.08 -7.25
CA PHE A 35 22.90 4.58 -8.57
C PHE A 35 22.97 5.78 -9.52
N TYR A 36 23.16 5.52 -10.81
CA TYR A 36 23.24 6.60 -11.78
C TYR A 36 21.81 6.96 -12.20
N CYS A 37 21.38 8.15 -11.80
CA CYS A 37 20.03 8.63 -12.09
C CYS A 37 19.94 9.19 -13.49
N PRO A 38 19.03 8.65 -14.32
CA PRO A 38 18.88 9.14 -15.70
C PRO A 38 18.23 10.53 -15.77
N MSE A 39 17.53 10.94 -14.71
CA MSE A 39 16.90 12.26 -14.66
C MSE A 39 17.96 13.28 -14.29
O MSE A 39 18.23 14.21 -15.07
CB MSE A 39 15.73 12.26 -13.68
CG MSE A 39 15.12 13.66 -13.55
SE MSE A 39 13.61 13.59 -12.30
CE MSE A 39 14.64 13.47 -10.63
N ARG A 40 18.58 13.09 -13.13
CA ARG A 40 19.61 14.01 -12.62
C ARG A 40 20.94 13.88 -13.38
N LYS A 41 21.10 12.76 -14.08
CA LYS A 41 22.30 12.51 -14.89
C LYS A 41 23.54 12.62 -14.03
N GLN A 42 23.50 11.91 -12.90
CA GLN A 42 24.59 11.86 -11.94
C GLN A 42 24.32 10.79 -10.91
N GLN A 43 25.34 10.45 -10.13
CA GLN A 43 25.20 9.46 -9.06
C GLN A 43 24.32 10.06 -7.97
N VAL A 44 23.35 9.28 -7.50
CA VAL A 44 22.39 9.74 -6.49
C VAL A 44 22.29 8.72 -5.37
N LYS A 45 22.33 9.21 -4.13
CA LYS A 45 22.17 8.35 -2.94
C LYS A 45 20.65 8.23 -2.76
N TRP A 46 20.08 7.30 -3.51
CA TRP A 46 18.64 7.15 -3.65
C TRP A 46 17.85 6.65 -2.43
N GLU A 47 18.53 6.12 -1.42
CA GLU A 47 17.86 5.61 -0.22
C GLU A 47 18.56 6.07 1.06
N GLU A 48 19.15 7.25 1.00
CA GLU A 48 19.93 7.78 2.11
C GLU A 48 19.10 8.33 3.28
N SER A 49 17.91 8.85 3.00
CA SER A 49 17.07 9.50 4.03
C SER A 49 16.06 8.59 4.69
N ASP A 50 15.33 7.82 3.90
CA ASP A 50 14.32 6.91 4.44
CA ASP A 50 14.23 6.98 4.39
C ASP A 50 14.01 5.75 3.51
N THR A 51 13.57 4.66 4.11
CA THR A 51 13.21 3.42 3.39
C THR A 51 11.95 3.00 4.09
N PHE A 52 10.80 3.26 3.48
CA PHE A 52 9.53 3.07 4.17
C PHE A 52 8.39 2.70 3.23
N ASN A 53 7.16 2.96 3.64
CA ASN A 53 5.93 2.71 2.90
C ASN A 53 6.10 1.64 1.84
N PRO A 54 6.13 0.36 2.29
CA PRO A 54 6.43 -0.76 1.44
C PRO A 54 5.27 -1.59 0.91
N ALA A 55 5.38 -2.03 -0.34
CA ALA A 55 4.49 -3.02 -0.89
C ALA A 55 5.17 -4.34 -0.53
N ALA A 56 4.43 -5.44 -0.56
CA ALA A 56 5.03 -6.77 -0.37
C ALA A 56 4.29 -7.80 -1.21
N THR A 57 5.02 -8.78 -1.71
CA THR A 57 4.42 -9.84 -2.51
C THR A 57 5.32 -11.08 -2.38
N VAL A 58 4.98 -12.14 -3.11
CA VAL A 58 5.75 -13.38 -3.07
C VAL A 58 6.08 -13.79 -4.50
N LYS A 59 7.25 -14.38 -4.67
CA LYS A 59 7.68 -14.92 -5.96
C LYS A 59 8.63 -16.08 -5.70
N ASP A 60 8.37 -17.22 -6.34
CA ASP A 60 9.26 -18.38 -6.24
C ASP A 60 9.57 -18.75 -4.79
N GLY A 61 8.52 -18.77 -3.96
CA GLY A 61 8.67 -19.12 -2.55
C GLY A 61 9.34 -18.09 -1.65
N LYS A 62 9.66 -16.93 -2.20
CA LYS A 62 10.31 -15.88 -1.43
C LYS A 62 9.44 -14.63 -1.29
N ILE A 63 9.56 -13.98 -0.15
CA ILE A 63 8.87 -12.73 0.12
C ILE A 63 9.70 -11.61 -0.51
N VAL A 64 9.03 -10.72 -1.22
CA VAL A 64 9.68 -9.57 -1.82
C VAL A 64 9.04 -8.31 -1.28
N VAL A 65 9.86 -7.39 -0.80
CA VAL A 65 9.39 -6.12 -0.26
C VAL A 65 9.90 -5.04 -1.21
N LEU A 66 8.97 -4.21 -1.67
CA LEU A 66 9.26 -3.12 -2.60
C LEU A 66 9.02 -1.83 -1.81
N TYR A 67 10.10 -1.21 -1.38
CA TYR A 67 10.02 -0.08 -0.48
C TYR A 67 10.21 1.30 -1.11
N ARG A 68 9.46 2.28 -0.61
CA ARG A 68 9.69 3.66 -0.98
C ARG A 68 11.02 4.12 -0.39
N ALA A 69 11.86 4.73 -1.21
CA ALA A 69 13.14 5.25 -0.78
C ALA A 69 13.28 6.70 -1.18
N GLU A 70 13.80 7.53 -0.27
CA GLU A 70 14.05 8.94 -0.58
C GLU A 70 15.52 9.30 -0.46
N ASP A 71 15.95 10.16 -1.39
CA ASP A 71 17.34 10.65 -1.44
C ASP A 71 17.49 11.91 -0.59
N ASN A 72 18.66 12.55 -0.66
CA ASN A 72 18.95 13.80 0.07
C ASN A 72 17.99 14.92 -0.32
N ARG A 80 12.97 16.41 -2.45
CA ARG A 80 13.43 15.02 -2.59
C ARG A 80 12.76 14.29 -3.74
N THR A 81 13.33 13.15 -4.11
CA THR A 81 12.77 12.28 -5.15
C THR A 81 12.55 10.90 -4.54
N SER A 82 11.37 10.33 -4.77
CA SER A 82 11.05 8.97 -4.31
C SER A 82 11.31 7.96 -5.40
N ARG A 83 11.91 6.84 -5.00
CA ARG A 83 12.14 5.72 -5.90
C ARG A 83 11.79 4.43 -5.14
N VAL A 84 11.51 3.35 -5.87
CA VAL A 84 11.15 2.07 -5.25
C VAL A 84 12.31 1.08 -5.27
N GLY A 85 12.63 0.56 -4.09
CA GLY A 85 13.70 -0.43 -3.92
C GLY A 85 13.14 -1.83 -3.83
N TYR A 86 14.01 -2.81 -4.04
CA TYR A 86 13.67 -4.21 -4.01
C TYR A 86 14.46 -4.91 -2.90
N ALA A 87 13.75 -5.71 -2.10
CA ALA A 87 14.37 -6.54 -1.07
C ALA A 87 13.73 -7.92 -1.18
N GLU A 88 14.57 -8.96 -1.09
CA GLU A 88 14.15 -10.35 -1.21
C GLU A 88 14.42 -11.07 0.12
N SER A 89 13.50 -11.94 0.53
CA SER A 89 13.58 -12.58 1.84
C SER A 89 13.08 -14.02 1.87
N LYS A 90 13.89 -14.89 2.47
CA LYS A 90 13.57 -16.31 2.58
C LYS A 90 12.49 -16.56 3.63
N ASP A 91 12.60 -15.83 4.75
CA ASP A 91 11.75 -16.01 5.94
C ASP A 91 10.85 -14.81 6.30
N GLY A 92 10.94 -13.71 5.54
CA GLY A 92 10.15 -12.52 5.81
C GLY A 92 10.83 -11.53 6.73
N ILE A 93 12.01 -11.89 7.22
CA ILE A 93 12.77 -11.10 8.20
C ILE A 93 14.09 -10.59 7.61
N GLU A 94 14.95 -11.51 7.18
CA GLU A 94 16.22 -11.12 6.56
CA GLU A 94 16.22 -11.17 6.55
C GLU A 94 15.96 -10.62 5.15
N MSE A 95 16.60 -9.50 4.79
CA MSE A 95 16.40 -8.87 3.50
C MSE A 95 17.67 -8.77 2.69
O MSE A 95 18.71 -8.35 3.21
CB MSE A 95 15.91 -7.45 3.72
CG MSE A 95 14.58 -7.34 4.48
SE MSE A 95 13.06 -7.85 3.35
CE MSE A 95 11.87 -8.60 4.72
N LYS A 96 17.61 -9.18 1.42
CA LYS A 96 18.72 -9.06 0.49
C LYS A 96 18.27 -7.98 -0.50
N ARG A 97 18.96 -6.84 -0.49
CA ARG A 97 18.57 -5.69 -1.31
C ARG A 97 19.45 -5.46 -2.54
N LEU A 98 18.87 -4.89 -3.59
CA LEU A 98 19.59 -4.55 -4.81
C LEU A 98 20.16 -3.15 -4.64
N ASP A 99 21.34 -2.92 -5.21
CA ASP A 99 21.99 -1.61 -5.15
C ASP A 99 21.30 -0.55 -5.99
N ASN A 100 20.52 -0.95 -6.98
CA ASN A 100 19.78 -0.01 -7.80
C ASN A 100 18.28 -0.09 -7.54
N PRO A 101 17.58 1.06 -7.60
CA PRO A 101 16.13 1.02 -7.39
C PRO A 101 15.49 0.37 -8.60
N VAL A 102 14.26 -0.09 -8.44
CA VAL A 102 13.57 -0.79 -9.55
C VAL A 102 12.43 0.01 -10.20
N LEU A 103 12.04 1.14 -9.62
CA LEU A 103 11.05 2.03 -10.23
C LEU A 103 11.46 3.44 -9.85
N PHE A 104 11.66 4.27 -10.86
CA PHE A 104 12.18 5.61 -10.65
C PHE A 104 11.88 6.49 -11.85
N PRO A 105 11.97 7.82 -11.67
CA PRO A 105 11.79 8.67 -12.84
C PRO A 105 12.92 8.38 -13.83
N ALA A 106 12.57 8.23 -15.11
CA ALA A 106 13.54 7.85 -16.13
C ALA A 106 13.30 8.56 -17.46
N GLU A 107 14.13 8.24 -18.45
CA GLU A 107 14.01 8.80 -19.78
C GLU A 107 12.95 7.99 -20.54
N ASP A 108 11.70 8.27 -20.21
CA ASP A 108 10.57 7.55 -20.77
C ASP A 108 9.45 8.52 -21.11
N ASN A 109 8.27 8.00 -21.43
CA ASN A 109 7.13 8.85 -21.80
C ASN A 109 6.19 9.21 -20.65
N PHE A 110 6.71 9.20 -19.43
CA PHE A 110 5.90 9.50 -18.23
C PHE A 110 6.54 10.59 -17.37
N LYS A 111 7.37 11.43 -18.00
CA LYS A 111 8.06 12.48 -17.26
C LYS A 111 7.09 13.51 -16.71
N ASP A 112 5.99 13.75 -17.43
CA ASP A 112 4.98 14.70 -16.97
C ASP A 112 4.37 14.27 -15.63
N GLN A 113 4.38 12.96 -15.37
CA GLN A 113 3.75 12.37 -14.17
C GLN A 113 4.66 12.22 -12.95
N ASP A 114 5.92 11.84 -13.17
CA ASP A 114 6.84 11.57 -12.05
C ASP A 114 8.15 12.38 -11.99
N TRP A 115 8.35 13.32 -12.92
CA TRP A 115 9.51 14.21 -12.80
C TRP A 115 9.03 15.46 -12.07
N PRO A 116 9.72 15.87 -11.01
CA PRO A 116 10.92 15.34 -10.38
C PRO A 116 10.67 14.58 -9.07
N GLY A 117 9.42 14.54 -8.62
CA GLY A 117 9.09 13.93 -7.34
C GLY A 117 9.20 12.42 -7.24
N GLY A 118 9.12 11.73 -8.37
CA GLY A 118 9.28 10.30 -8.38
C GLY A 118 8.02 9.47 -8.13
N CYS A 119 8.28 8.26 -7.67
CA CYS A 119 7.32 7.18 -7.49
C CYS A 119 7.27 6.78 -6.02
N GLU A 120 6.10 6.98 -5.41
CA GLU A 120 5.86 6.74 -3.99
C GLU A 120 4.83 5.68 -3.69
N ASP A 121 4.93 5.17 -2.47
CA ASP A 121 3.92 4.33 -1.83
C ASP A 121 3.29 3.24 -2.70
N PRO A 122 4.06 2.22 -3.04
CA PRO A 122 3.53 1.16 -3.86
C PRO A 122 2.65 0.16 -3.10
N ARG A 123 1.71 -0.43 -3.82
CA ARG A 123 0.92 -1.55 -3.34
C ARG A 123 0.95 -2.52 -4.49
N VAL A 124 1.25 -3.78 -4.20
CA VAL A 124 1.40 -4.79 -5.24
C VAL A 124 0.53 -6.04 -5.03
N ALA A 125 -0.07 -6.49 -6.12
CA ALA A 125 -0.85 -7.71 -6.13
C ALA A 125 -0.49 -8.47 -7.43
N MSE A 126 -0.77 -9.76 -7.44
CA MSE A 126 -0.42 -10.63 -8.58
C MSE A 126 -1.59 -11.39 -9.15
O MSE A 126 -2.38 -11.96 -8.40
CB MSE A 126 0.61 -11.62 -7.99
CG MSE A 126 1.31 -12.45 -9.06
SE MSE A 126 1.97 -14.15 -8.31
CE MSE A 126 0.29 -15.10 -7.93
N THR A 127 -1.72 -11.41 -10.48
CA THR A 127 -2.77 -12.18 -11.12
C THR A 127 -2.44 -13.67 -11.03
N GLU A 128 -3.45 -14.52 -11.21
CA GLU A 128 -3.22 -15.97 -11.21
C GLU A 128 -2.20 -16.40 -12.29
N ASP A 129 -2.11 -15.65 -13.39
CA ASP A 129 -1.18 -15.98 -14.47
CA ASP A 129 -1.18 -15.97 -14.48
C ASP A 129 0.23 -15.39 -14.28
N GLY A 130 0.50 -14.82 -13.10
CA GLY A 130 1.85 -14.31 -12.81
C GLY A 130 2.21 -12.87 -13.15
N LEU A 131 1.23 -12.00 -13.36
CA LEU A 131 1.50 -10.60 -13.64
C LEU A 131 1.39 -9.82 -12.33
N TYR A 132 2.44 -9.10 -11.96
CA TYR A 132 2.43 -8.29 -10.76
C TYR A 132 2.02 -6.90 -11.17
N VAL A 133 1.00 -6.38 -10.49
CA VAL A 133 0.47 -5.04 -10.77
C VAL A 133 0.76 -4.14 -9.59
N MSE A 134 1.41 -3.01 -9.87
CA MSE A 134 1.73 -2.04 -8.84
C MSE A 134 0.93 -0.78 -9.04
O MSE A 134 0.91 -0.21 -10.13
CB MSE A 134 3.22 -1.67 -8.86
CG MSE A 134 3.55 -0.60 -7.81
SE MSE A 134 5.39 0.02 -8.10
CE MSE A 134 6.39 -1.57 -7.54
N LEU A 135 0.23 -0.39 -7.97
CA LEU A 135 -0.45 0.89 -7.89
C LEU A 135 0.44 1.73 -6.97
N TYR A 136 0.85 2.89 -7.46
CA TYR A 136 1.72 3.79 -6.75
C TYR A 136 1.37 5.25 -7.03
N THR A 137 2.05 6.16 -6.37
CA THR A 137 1.78 7.58 -6.57
C THR A 137 2.89 8.19 -7.41
N ALA A 138 2.51 8.83 -8.52
CA ALA A 138 3.45 9.58 -9.37
C ALA A 138 3.38 11.02 -8.86
N TRP A 139 4.53 11.61 -8.58
CA TRP A 139 4.59 12.95 -8.00
C TRP A 139 5.42 13.87 -8.88
N ASN A 140 4.76 14.89 -9.46
CA ASN A 140 5.43 15.85 -10.32
C ASN A 140 5.53 17.24 -9.67
N ARG A 141 5.31 17.24 -8.36
CA ARG A 141 5.30 18.45 -7.51
CA ARG A 141 5.29 18.44 -7.50
C ARG A 141 4.12 19.39 -7.77
N LYS A 142 3.20 18.98 -8.64
CA LYS A 142 1.97 19.73 -8.89
CA LYS A 142 1.96 19.72 -8.92
C LYS A 142 0.79 18.91 -8.34
N LYS A 143 0.68 17.66 -8.78
CA LYS A 143 -0.37 16.74 -8.32
CA LYS A 143 -0.37 16.74 -8.32
C LYS A 143 0.23 15.35 -8.03
N ALA A 144 -0.25 14.73 -6.96
CA ALA A 144 0.13 13.37 -6.61
C ALA A 144 -1.01 12.56 -7.26
N ARG A 145 -0.67 11.62 -8.12
CA ARG A 145 -1.69 10.88 -8.89
C ARG A 145 -1.42 9.37 -8.96
N LEU A 146 -2.47 8.60 -8.77
CA LEU A 146 -2.37 7.15 -8.79
CA LEU A 146 -2.40 7.13 -8.82
C LEU A 146 -1.94 6.66 -10.18
N ALA A 147 -0.88 5.85 -10.18
CA ALA A 147 -0.30 5.31 -11.39
C ALA A 147 -0.14 3.81 -11.30
N VAL A 148 0.03 3.19 -12.47
CA VAL A 148 0.14 1.75 -12.57
C VAL A 148 1.42 1.34 -13.28
N ALA A 149 2.09 0.33 -12.72
CA ALA A 149 3.25 -0.31 -13.35
C ALA A 149 3.06 -1.82 -13.27
N THR A 150 3.61 -2.57 -14.22
CA THR A 150 3.51 -4.02 -14.19
C THR A 150 4.89 -4.64 -14.33
N SER A 151 4.99 -5.89 -13.88
CA SER A 151 6.22 -6.64 -13.95
C SER A 151 5.93 -8.12 -13.82
N ARG A 152 6.82 -8.94 -14.39
CA ARG A 152 6.75 -10.37 -14.22
C ARG A 152 7.85 -10.90 -13.32
N ASP A 153 8.95 -10.16 -13.21
CA ASP A 153 10.09 -10.58 -12.37
C ASP A 153 10.32 -9.74 -11.12
N LEU A 154 9.53 -8.67 -10.96
CA LEU A 154 9.60 -7.75 -9.80
C LEU A 154 10.79 -6.77 -9.79
N LYS A 155 11.68 -6.91 -10.76
CA LYS A 155 12.86 -6.04 -10.89
C LYS A 155 12.73 -5.10 -12.09
N ASN A 156 12.11 -5.61 -13.16
CA ASN A 156 11.90 -4.82 -14.36
CA ASN A 156 11.89 -4.86 -14.40
C ASN A 156 10.42 -4.44 -14.45
N TRP A 157 10.15 -3.17 -14.15
CA TRP A 157 8.78 -2.61 -14.13
C TRP A 157 8.50 -1.78 -15.36
N THR A 158 7.29 -1.95 -15.93
CA THR A 158 6.85 -1.19 -17.09
C THR A 158 5.76 -0.23 -16.62
N LYS A 159 5.96 1.08 -16.80
CA LYS A 159 4.93 2.07 -16.40
C LYS A 159 3.83 2.03 -17.44
N HIS A 160 2.60 2.21 -17.01
CA HIS A 160 1.46 2.26 -17.93
C HIS A 160 0.68 3.56 -17.84
N GLY A 161 1.17 4.50 -17.03
CA GLY A 161 0.55 5.81 -16.89
C GLY A 161 -0.39 5.90 -15.72
N LEU A 162 -1.26 6.89 -15.73
CA LEU A 162 -2.18 7.11 -14.61
C LEU A 162 -3.35 6.14 -14.62
N ALA A 163 -3.73 5.67 -13.43
CA ALA A 163 -4.87 4.78 -13.30
C ALA A 163 -6.17 5.38 -13.83
N PHE A 164 -6.33 6.70 -13.69
CA PHE A 164 -7.56 7.36 -14.13
C PHE A 164 -7.37 8.25 -15.35
N ASP A 165 -6.39 7.93 -16.19
CA ASP A 165 -6.14 8.75 -17.37
C ASP A 165 -7.30 8.74 -18.36
N LYS A 166 -7.84 7.55 -18.60
CA LYS A 166 -8.84 7.34 -19.66
C LYS A 166 -10.29 7.60 -19.26
N ALA A 167 -10.68 7.03 -18.12
CA ALA A 167 -12.08 7.07 -17.67
C ALA A 167 -12.81 8.43 -17.80
N TYR A 168 -14.00 8.36 -18.37
CA TYR A 168 -14.91 9.49 -18.49
C TYR A 168 -14.27 10.74 -19.12
N ASN A 169 -13.75 10.59 -20.34
CA ASN A 169 -13.09 11.70 -21.04
C ASN A 169 -11.94 12.32 -20.25
N GLY A 170 -11.24 11.48 -19.48
CA GLY A 170 -10.13 11.92 -18.68
C GLY A 170 -10.52 12.81 -17.52
N ARG A 171 -11.77 12.68 -17.07
CA ARG A 171 -12.31 13.51 -16.00
C ARG A 171 -11.37 13.62 -14.81
N PHE A 172 -10.79 12.50 -14.39
CA PHE A 172 -9.92 12.50 -13.21
C PHE A 172 -8.43 12.37 -13.54
N ASN A 173 -8.03 12.78 -14.73
CA ASN A 173 -6.62 12.65 -15.14
C ASN A 173 -5.69 13.67 -14.45
N ASN A 174 -6.25 14.64 -13.72
CA ASN A 174 -5.41 15.55 -12.92
C ASN A 174 -5.91 15.66 -11.49
N LEU A 175 -6.65 14.64 -11.06
CA LEU A 175 -7.13 14.50 -9.70
C LEU A 175 -5.97 14.10 -8.79
N PHE A 176 -5.80 14.81 -7.67
CA PHE A 176 -4.83 14.44 -6.63
C PHE A 176 -5.39 13.18 -5.97
N CYS A 177 -4.65 12.07 -6.06
CA CYS A 177 -5.10 10.80 -5.52
C CYS A 177 -3.94 9.84 -5.31
N LYS A 178 -4.15 8.89 -4.42
CA LYS A 178 -3.13 7.92 -4.06
C LYS A 178 -3.75 6.73 -3.32
N SER A 179 -2.92 5.70 -3.10
CA SER A 179 -3.25 4.53 -2.30
C SER A 179 -4.33 3.63 -2.88
N GLY A 180 -3.91 2.74 -3.78
CA GLY A 180 -4.83 1.79 -4.45
C GLY A 180 -4.70 0.37 -3.93
N SER A 181 -5.79 -0.18 -3.41
CA SER A 181 -5.82 -1.54 -2.85
C SER A 181 -6.69 -2.51 -3.65
N ILE A 182 -6.04 -3.26 -4.54
CA ILE A 182 -6.73 -4.21 -5.40
C ILE A 182 -7.28 -5.37 -4.55
N LEU A 183 -8.44 -5.89 -4.94
CA LEU A 183 -9.06 -7.02 -4.24
C LEU A 183 -8.30 -8.31 -4.56
N THR A 184 -7.99 -9.07 -3.50
CA THR A 184 -7.28 -10.34 -3.60
C THR A 184 -7.98 -11.41 -2.75
N LYS A 185 -7.54 -12.65 -2.94
CA LYS A 185 -8.04 -13.78 -2.14
C LYS A 185 -6.95 -14.84 -2.10
N LEU A 186 -7.01 -15.72 -1.10
CA LEU A 186 -6.05 -16.81 -1.00
C LEU A 186 -6.52 -17.94 -1.92
N LYS A 187 -5.64 -18.35 -2.83
CA LYS A 187 -5.91 -19.46 -3.71
CA LYS A 187 -5.91 -19.46 -3.74
C LYS A 187 -4.67 -20.35 -3.70
N GLY A 188 -4.84 -21.58 -3.23
N GLY A 188 -4.86 -21.57 -3.19
CA GLY A 188 -3.77 -22.56 -3.18
CA GLY A 188 -3.77 -22.50 -2.98
C GLY A 188 -2.40 -22.08 -2.77
C GLY A 188 -3.00 -21.95 -1.78
N ASN A 189 -2.29 -21.48 -1.58
N ASN A 189 -1.73 -21.62 -2.01
CA ASN A 189 -0.99 -21.09 -1.05
CA ASN A 189 -0.93 -21.01 -0.97
C ASN A 189 -0.47 -19.69 -1.43
C ASN A 189 -0.45 -19.64 -1.41
N GLN A 190 -1.24 -18.96 -2.24
CA GLN A 190 -0.87 -17.63 -2.71
C GLN A 190 -2.04 -16.66 -2.73
N LEU A 191 -1.73 -15.39 -2.47
CA LEU A 191 -2.73 -14.34 -2.58
C LEU A 191 -2.77 -13.93 -4.05
N VAL A 192 -3.95 -13.97 -4.64
CA VAL A 192 -4.10 -13.60 -6.05
C VAL A 192 -5.22 -12.59 -6.22
N ILE A 193 -5.11 -11.77 -7.26
CA ILE A 193 -6.13 -10.79 -7.62
C ILE A 193 -7.44 -11.51 -7.88
N ASP A 194 -8.54 -10.95 -7.40
CA ASP A 194 -9.86 -11.57 -7.61
C ASP A 194 -10.89 -10.56 -8.11
N LYS A 195 -11.73 -11.00 -9.04
CA LYS A 195 -12.73 -10.12 -9.65
C LYS A 195 -14.03 -9.94 -8.87
N VAL A 196 -14.80 -8.95 -9.29
CA VAL A 196 -16.13 -8.66 -8.76
C VAL A 196 -17.03 -8.45 -9.97
N ASN A 197 -18.09 -9.24 -10.06
CA ASN A 197 -19.03 -9.14 -11.16
CA ASN A 197 -19.03 -9.18 -11.18
C ASN A 197 -18.32 -9.10 -12.53
N GLY A 198 -17.32 -9.96 -12.71
CA GLY A 198 -16.59 -10.04 -13.98
C GLY A 198 -15.58 -8.94 -14.28
N LYS A 199 -15.32 -8.08 -13.31
CA LYS A 199 -14.34 -7.01 -13.47
CA LYS A 199 -14.36 -6.98 -13.44
C LYS A 199 -13.36 -6.96 -12.31
N TYR A 200 -12.17 -6.40 -12.57
CA TYR A 200 -11.20 -6.23 -11.51
C TYR A 200 -11.67 -5.10 -10.61
N PHE A 201 -11.24 -5.12 -9.37
CA PHE A 201 -11.74 -4.20 -8.38
C PHE A 201 -10.68 -3.66 -7.43
N MSE A 202 -10.82 -2.42 -7.01
CA MSE A 202 -9.92 -1.87 -6.00
C MSE A 202 -10.59 -0.81 -5.18
O MSE A 202 -11.51 -0.14 -5.64
CB MSE A 202 -8.63 -1.28 -6.57
CG MSE A 202 -8.77 0.06 -7.30
SE MSE A 202 -7.01 0.75 -7.78
CE MSE A 202 -7.54 2.46 -8.56
N TYR A 203 -10.18 -0.73 -3.92
CA TYR A 203 -10.52 0.40 -3.07
C TYR A 203 -9.36 1.34 -3.30
N TRP A 204 -9.59 2.64 -3.08
CA TRP A 204 -8.53 3.60 -3.20
C TRP A 204 -8.88 4.89 -2.44
N GLY A 205 -7.86 5.63 -2.07
CA GLY A 205 -8.03 6.94 -1.45
C GLY A 205 -7.28 7.19 -0.16
N GLU A 206 -7.16 8.49 0.16
CA GLU A 206 -6.50 8.96 1.36
C GLU A 206 -7.48 9.65 2.33
N HIS A 207 -8.25 10.62 1.82
CA HIS A 207 -9.22 11.36 2.64
C HIS A 207 -10.56 10.66 2.81
N ALA A 208 -10.79 9.65 1.99
CA ALA A 208 -11.97 8.82 2.06
C ALA A 208 -11.60 7.53 1.35
N ILE A 209 -12.39 6.49 1.54
CA ILE A 209 -12.18 5.25 0.82
C ILE A 209 -13.20 5.23 -0.32
N TYR A 210 -12.67 5.20 -1.54
CA TYR A 210 -13.46 5.12 -2.75
C TYR A 210 -13.22 3.75 -3.39
N ALA A 211 -13.80 3.56 -4.56
CA ALA A 211 -13.65 2.32 -5.31
C ALA A 211 -13.48 2.61 -6.79
N ALA A 212 -12.93 1.63 -7.51
CA ALA A 212 -12.77 1.72 -8.95
C ALA A 212 -12.78 0.32 -9.54
N THR A 213 -13.25 0.22 -10.78
CA THR A 213 -13.28 -1.06 -11.47
C THR A 213 -12.39 -0.98 -12.72
N SER A 214 -12.04 -2.14 -13.28
CA SER A 214 -11.19 -2.19 -14.47
C SER A 214 -11.35 -3.50 -15.23
N ASP A 215 -11.22 -3.44 -16.55
CA ASP A 215 -11.23 -4.65 -17.38
C ASP A 215 -9.85 -5.24 -17.51
N ASN A 216 -8.81 -4.40 -17.40
CA ASN A 216 -7.44 -4.79 -17.68
C ASN A 216 -6.37 -4.50 -16.61
N LEU A 217 -6.79 -4.04 -15.44
CA LEU A 217 -5.88 -3.69 -14.33
C LEU A 217 -5.01 -2.44 -14.58
N ILE A 218 -5.16 -1.80 -15.74
CA ILE A 218 -4.36 -0.63 -16.11
C ILE A 218 -5.23 0.63 -16.14
N ASP A 219 -6.36 0.55 -16.83
CA ASP A 219 -7.29 1.68 -16.92
C ASP A 219 -8.40 1.45 -15.88
N TRP A 220 -8.47 2.33 -14.89
CA TRP A 220 -9.43 2.21 -13.81
C TRP A 220 -10.53 3.26 -13.89
N TYR A 221 -11.73 2.84 -13.50
CA TYR A 221 -12.93 3.66 -13.57
C TYR A 221 -13.49 3.91 -12.18
N PRO A 222 -13.30 5.13 -11.64
CA PRO A 222 -13.79 5.42 -10.30
C PRO A 222 -15.30 5.25 -10.22
N VAL A 223 -15.79 4.72 -9.10
CA VAL A 223 -17.20 4.48 -8.95
C VAL A 223 -17.88 5.79 -8.54
N LEU A 224 -18.90 6.15 -9.30
CA LEU A 224 -19.66 7.38 -9.11
C LEU A 224 -21.04 7.11 -8.53
N ASP A 225 -21.54 8.06 -7.74
CA ASP A 225 -22.87 7.93 -7.12
C ASP A 225 -23.95 8.61 -8.00
N GLU A 226 -25.18 8.63 -7.51
CA GLU A 226 -26.33 9.24 -8.22
C GLU A 226 -26.15 10.73 -8.54
N LYS A 227 -25.31 11.42 -7.76
CA LYS A 227 -25.01 12.83 -7.99
CA LYS A 227 -25.01 12.83 -7.99
C LYS A 227 -23.86 12.99 -8.99
N ASN A 228 -23.39 11.87 -9.56
CA ASN A 228 -22.27 11.88 -10.51
C ASN A 228 -20.97 12.31 -9.81
N GLU A 229 -20.90 12.07 -8.50
CA GLU A 229 -19.72 12.39 -7.71
C GLU A 229 -19.03 11.10 -7.26
N LEU A 230 -17.74 11.20 -6.92
CA LEU A 230 -17.01 10.05 -6.40
C LEU A 230 -17.77 9.50 -5.19
N MSE A 231 -18.05 8.21 -5.20
CA MSE A 231 -18.77 7.58 -4.11
CA MSE A 231 -18.78 7.58 -4.11
C MSE A 231 -17.87 7.20 -2.97
O MSE A 231 -16.97 6.37 -3.13
CB MSE A 231 -19.45 6.31 -4.62
CB MSE A 231 -19.49 6.35 -4.64
CG MSE A 231 -20.24 5.67 -3.48
CG MSE A 231 -20.45 5.82 -3.58
SE MSE A 231 -21.22 4.10 -4.13
SE MSE A 231 -19.60 4.29 -2.70
CE MSE A 231 -19.67 2.92 -4.24
CE MSE A 231 -20.40 2.99 -3.95
N LYS A 232 -18.10 7.78 -1.80
CA LYS A 232 -17.30 7.48 -0.61
C LYS A 232 -17.92 6.31 0.14
N ILE A 233 -17.09 5.32 0.44
CA ILE A 233 -17.51 4.15 1.19
C ILE A 233 -17.42 4.43 2.68
N ILE A 234 -16.28 4.97 3.12
CA ILE A 234 -16.12 5.50 4.48
C ILE A 234 -15.32 6.78 4.40
N GLN A 235 -15.36 7.54 5.49
CA GLN A 235 -14.62 8.78 5.61
C GLN A 235 -14.22 8.98 7.07
N PRO A 236 -13.43 10.00 7.36
CA PRO A 236 -12.96 10.22 8.72
C PRO A 236 -14.04 10.50 9.75
N ARG A 237 -13.74 10.14 10.99
CA ARG A 237 -14.66 10.24 12.11
C ARG A 237 -14.04 10.96 13.29
N LYS A 238 -14.71 12.01 13.77
CA LYS A 238 -14.23 12.71 14.95
C LYS A 238 -14.26 11.73 16.13
N GLY A 239 -13.34 11.89 17.08
CA GLY A 239 -13.28 11.05 18.26
C GLY A 239 -12.61 9.69 18.07
N HIS A 240 -12.25 9.34 16.83
CA HIS A 240 -11.61 8.06 16.53
C HIS A 240 -10.22 8.27 15.96
N PHE A 241 -9.45 7.18 15.91
CA PHE A 241 -8.08 7.20 15.39
C PHE A 241 -8.04 7.64 13.93
N ASP A 242 -9.11 7.37 13.18
CA ASP A 242 -9.21 7.73 11.76
C ASP A 242 -10.02 9.02 11.63
N SER A 243 -9.53 10.04 12.31
CA SER A 243 -10.19 11.33 12.41
C SER A 243 -9.78 12.38 11.40
N LEU A 244 -8.61 12.22 10.77
CA LEU A 244 -8.21 13.13 9.69
C LEU A 244 -8.21 12.44 8.33
N LEU A 245 -7.81 11.17 8.28
CA LEU A 245 -7.75 10.43 7.03
C LEU A 245 -8.17 9.00 7.25
N THR A 246 -8.63 8.39 6.15
CA THR A 246 -8.99 6.96 6.10
C THR A 246 -8.36 6.52 4.80
N GLU A 247 -7.12 6.03 4.89
CA GLU A 247 -6.30 5.74 3.73
C GLU A 247 -6.04 4.25 3.50
N CYS A 248 -6.19 3.81 2.25
CA CYS A 248 -6.00 2.40 1.92
C CYS A 248 -4.63 1.90 2.33
N GLY A 249 -4.62 0.68 2.85
CA GLY A 249 -3.40 0.01 3.26
C GLY A 249 -3.00 -0.95 2.16
N PRO A 250 -2.70 -2.21 2.53
CA PRO A 250 -2.37 -3.22 1.54
C PRO A 250 -3.60 -3.62 0.72
N PRO A 251 -3.41 -4.45 -0.32
CA PRO A 251 -4.52 -4.96 -1.12
C PRO A 251 -5.61 -5.59 -0.24
N ALA A 252 -6.88 -5.39 -0.58
CA ALA A 252 -7.98 -5.93 0.22
C ALA A 252 -7.98 -7.43 0.06
N ILE A 253 -8.55 -8.13 1.02
CA ILE A 253 -8.51 -9.58 0.99
C ILE A 253 -9.85 -10.22 1.36
N ARG A 254 -10.29 -11.16 0.52
CA ARG A 254 -11.51 -11.91 0.80
C ARG A 254 -11.30 -12.85 1.98
N THR A 255 -12.34 -12.99 2.82
CA THR A 255 -12.32 -13.89 3.98
C THR A 255 -13.70 -14.56 4.06
N LYS A 256 -13.86 -15.50 4.98
CA LYS A 256 -15.15 -16.20 5.15
C LYS A 256 -16.31 -15.22 5.44
N HIS A 257 -16.01 -14.12 6.13
CA HIS A 257 -17.03 -13.15 6.52
C HIS A 257 -17.28 -12.02 5.51
N GLY A 258 -16.45 -11.96 4.48
CA GLY A 258 -16.57 -10.93 3.44
C GLY A 258 -15.21 -10.39 3.05
N ILE A 259 -15.20 -9.15 2.58
CA ILE A 259 -13.95 -8.50 2.17
C ILE A 259 -13.41 -7.66 3.30
N VAL A 260 -12.14 -7.85 3.65
CA VAL A 260 -11.50 -7.04 4.68
C VAL A 260 -10.49 -6.10 4.02
N LEU A 261 -10.64 -4.82 4.31
CA LEU A 261 -9.71 -3.81 3.86
C LEU A 261 -8.95 -3.32 5.09
N VAL A 262 -7.64 -3.54 5.10
CA VAL A 262 -6.79 -2.97 6.14
C VAL A 262 -6.49 -1.54 5.69
N TYR A 263 -6.77 -0.57 6.55
CA TYR A 263 -6.56 0.81 6.18
C TYR A 263 -5.87 1.59 7.30
N ASN A 264 -5.30 2.72 6.92
CA ASN A 264 -4.57 3.56 7.85
C ASN A 264 -5.36 4.81 8.18
N GLY A 265 -5.51 5.06 9.48
CA GLY A 265 -6.20 6.24 9.95
C GLY A 265 -5.21 7.23 10.49
N LYS A 266 -5.34 8.51 10.15
CA LYS A 266 -4.48 9.52 10.73
C LYS A 266 -5.32 10.19 11.81
N ASN A 267 -4.76 10.27 13.01
CA ASN A 267 -5.45 10.81 14.18
C ASN A 267 -5.27 12.32 14.35
N SER A 268 -6.37 13.04 14.57
CA SER A 268 -6.30 14.47 14.87
C SER A 268 -5.95 14.67 16.33
N GLY A 269 -5.04 15.60 16.61
CA GLY A 269 -4.69 15.90 18.01
C GLY A 269 -5.75 16.78 18.68
N LYS A 270 -6.67 17.31 17.89
CA LYS A 270 -7.73 18.19 18.41
C LYS A 270 -9.11 17.52 18.45
N THR A 271 -9.43 16.75 17.41
CA THR A 271 -10.75 16.12 17.32
C THR A 271 -10.71 14.60 17.20
N GLY A 272 -9.56 13.98 17.49
CA GLY A 272 -9.40 12.53 17.35
C GLY A 272 -9.55 11.77 18.65
N ASP A 273 -8.88 10.63 18.72
CA ASP A 273 -8.91 9.76 19.89
C ASP A 273 -7.67 10.00 20.73
N ALA A 274 -7.88 10.54 21.93
CA ALA A 274 -6.80 10.86 22.86
C ALA A 274 -5.95 9.65 23.27
N ASN A 275 -6.44 8.44 23.04
CA ASN A 275 -5.67 7.23 23.37
C ASN A 275 -4.49 7.01 22.42
N TYR A 276 -4.47 7.74 21.30
CA TYR A 276 -3.42 7.60 20.29
C TYR A 276 -2.76 8.96 20.01
N PRO A 277 -1.53 8.94 19.52
CA PRO A 277 -0.83 10.22 19.31
C PRO A 277 -1.49 11.08 18.24
N GLY A 278 -1.43 12.39 18.43
CA GLY A 278 -1.96 13.34 17.46
C GLY A 278 -1.08 13.31 16.21
N ASN A 279 -1.70 13.44 15.04
CA ASN A 279 -1.01 13.38 13.72
C ASN A 279 -0.33 12.06 13.38
N ALA A 280 -0.58 11.01 14.14
CA ALA A 280 0.03 9.73 13.85
C ALA A 280 -0.99 8.85 13.14
N TYR A 281 -0.46 7.88 12.42
CA TYR A 281 -1.28 6.90 11.73
C TYR A 281 -1.31 5.63 12.57
N CYS A 282 -2.50 5.04 12.64
CA CYS A 282 -2.75 3.76 13.29
C CYS A 282 -3.60 3.00 12.28
N ALA A 283 -3.62 1.68 12.36
CA ALA A 283 -4.30 0.85 11.38
C ALA A 283 -5.64 0.29 11.85
N GLY A 284 -6.63 0.37 10.99
CA GLY A 284 -7.95 -0.18 11.25
C GLY A 284 -8.33 -1.21 10.21
N GLN A 285 -9.52 -1.75 10.33
CA GLN A 285 -10.04 -2.72 9.37
C GLN A 285 -11.50 -2.45 9.07
N LEU A 286 -11.87 -2.67 7.81
CA LEU A 286 -13.22 -2.47 7.33
C LEU A 286 -13.66 -3.81 6.75
N LEU A 287 -14.83 -4.30 7.17
CA LEU A 287 -15.41 -5.54 6.65
C LEU A 287 -16.51 -5.14 5.70
N LEU A 288 -16.40 -5.56 4.45
CA LEU A 288 -17.41 -5.26 3.46
C LEU A 288 -18.06 -6.53 2.96
N ASP A 289 -19.25 -6.38 2.40
CA ASP A 289 -20.02 -7.52 1.90
C ASP A 289 -19.29 -8.16 0.71
N GLY A 290 -19.14 -9.48 0.76
CA GLY A 290 -18.46 -10.22 -0.31
C GLY A 290 -19.21 -10.21 -1.63
N ASN A 291 -20.53 -9.99 -1.58
CA ASN A 291 -21.36 -9.90 -2.78
C ASN A 291 -21.54 -8.45 -3.24
N ASP A 292 -21.51 -7.50 -2.30
CA ASP A 292 -21.63 -6.07 -2.59
C ASP A 292 -20.46 -5.34 -1.93
N PRO A 293 -19.33 -5.16 -2.68
CA PRO A 293 -18.13 -4.59 -2.08
C PRO A 293 -18.21 -3.12 -1.66
N TYR A 294 -19.32 -2.45 -1.92
CA TYR A 294 -19.52 -1.06 -1.51
C TYR A 294 -20.25 -1.01 -0.17
N LYS A 295 -20.76 -2.15 0.27
CA LYS A 295 -21.56 -2.24 1.48
C LYS A 295 -20.73 -2.62 2.69
N VAL A 296 -20.64 -1.70 3.65
CA VAL A 296 -19.89 -1.91 4.87
C VAL A 296 -20.69 -2.77 5.84
N LEU A 297 -20.07 -3.81 6.38
CA LEU A 297 -20.71 -4.68 7.36
C LEU A 297 -20.23 -4.34 8.75
N ASP A 298 -18.94 -3.99 8.89
CA ASP A 298 -18.40 -3.66 10.19
C ASP A 298 -17.12 -2.86 10.03
N ARG A 299 -16.72 -2.17 11.10
CA ARG A 299 -15.54 -1.29 11.10
C ARG A 299 -15.01 -1.22 12.53
N LEU A 300 -13.70 -1.36 12.69
CA LEU A 300 -13.11 -1.28 14.03
C LEU A 300 -13.18 0.14 14.59
N ASP A 301 -13.61 0.24 15.84
CA ASP A 301 -13.67 1.52 16.54
C ASP A 301 -12.28 1.97 16.96
N LYS A 302 -11.45 1.00 17.35
CA LYS A 302 -10.10 1.21 17.81
C LYS A 302 -9.14 0.55 16.84
N PRO A 303 -7.94 1.10 16.68
CA PRO A 303 -7.01 0.49 15.74
C PRO A 303 -6.55 -0.89 16.23
N PHE A 304 -6.27 -1.80 15.29
CA PHE A 304 -5.79 -3.12 15.66
C PHE A 304 -4.26 -3.12 15.74
N PHE A 305 -3.64 -2.07 15.20
CA PHE A 305 -2.17 -1.98 15.20
C PHE A 305 -1.80 -0.51 15.35
N ALA A 306 -1.02 -0.19 16.37
CA ALA A 306 -0.66 1.19 16.67
C ALA A 306 0.81 1.31 17.11
N PRO A 307 1.37 2.53 17.12
CA PRO A 307 2.76 2.65 17.56
C PRO A 307 2.92 2.25 19.02
N GLU A 308 3.86 1.36 19.28
CA GLU A 308 4.13 0.87 20.64
CA GLU A 308 4.12 0.86 20.64
C GLU A 308 5.60 0.67 20.93
N ALA A 309 6.38 0.27 19.93
CA ALA A 309 7.82 0.00 20.11
C ALA A 309 8.75 1.18 19.79
N PRO A 310 9.97 1.18 20.40
CA PRO A 310 10.93 2.26 20.17
C PRO A 310 11.25 2.52 18.70
N PHE A 311 11.34 1.46 17.87
CA PHE A 311 11.68 1.61 16.46
C PHE A 311 10.57 2.29 15.63
N GLU A 312 9.39 2.46 16.21
CA GLU A 312 8.29 3.13 15.53
C GLU A 312 8.23 4.61 15.91
N LYS A 313 9.17 5.06 16.74
CA LYS A 313 9.24 6.43 17.24
CA LYS A 313 9.23 6.43 17.24
C LYS A 313 10.53 7.11 16.82
N SER A 314 10.53 8.44 16.87
CA SER A 314 11.72 9.24 16.52
C SER A 314 11.57 10.68 17.06
N GLY A 315 12.52 11.53 16.73
CA GLY A 315 12.47 12.95 17.12
C GLY A 315 11.25 13.65 16.56
N GLN A 316 10.92 13.36 15.30
CA GLN A 316 9.78 13.96 14.62
C GLN A 316 8.44 13.34 15.08
N TYR A 317 8.47 12.06 15.46
CA TYR A 317 7.26 11.33 15.91
C TYR A 317 7.54 10.67 17.25
N LYS A 318 7.60 11.53 18.28
CA LYS A 318 7.92 11.13 19.64
C LYS A 318 7.11 9.95 20.15
N ASP A 319 5.81 9.95 19.89
CA ASP A 319 4.92 8.87 20.31
C ASP A 319 4.74 7.82 19.23
N GLY A 320 5.39 8.02 18.08
CA GLY A 320 5.38 7.05 16.99
C GLY A 320 4.29 7.15 15.95
N THR A 321 4.48 6.42 14.86
CA THR A 321 3.50 6.35 13.77
C THR A 321 3.81 5.11 12.91
N VAL A 322 2.77 4.46 12.43
CA VAL A 322 2.89 3.25 11.61
C VAL A 322 1.96 3.34 10.41
N PHE A 323 2.41 2.84 9.26
CA PHE A 323 1.63 2.92 8.02
C PHE A 323 1.72 1.58 7.31
N ILE A 324 0.61 0.85 7.33
CA ILE A 324 0.52 -0.52 6.82
C ILE A 324 0.31 -0.53 5.32
N GLU A 325 1.16 -1.26 4.59
CA GLU A 325 1.06 -1.20 3.12
C GLU A 325 1.33 -2.51 2.38
N GLY A 326 1.88 -3.50 3.07
CA GLY A 326 2.15 -4.81 2.47
C GLY A 326 1.57 -5.93 3.30
N LEU A 327 1.03 -6.93 2.62
CA LEU A 327 0.45 -8.10 3.26
C LEU A 327 0.69 -9.33 2.40
N VAL A 328 1.40 -10.31 2.97
CA VAL A 328 1.71 -11.53 2.22
C VAL A 328 1.40 -12.78 3.03
N TYR A 329 0.96 -13.81 2.34
CA TYR A 329 0.70 -15.10 2.91
C TYR A 329 1.92 -15.96 2.58
N HIS A 330 2.54 -16.52 3.61
CA HIS A 330 3.75 -17.31 3.46
C HIS A 330 3.85 -18.35 4.55
N LYS A 331 3.90 -19.62 4.14
CA LYS A 331 4.00 -20.76 5.05
CA LYS A 331 4.02 -20.75 5.06
C LYS A 331 2.99 -20.72 6.19
N LYS A 332 1.72 -20.68 5.81
CA LYS A 332 0.59 -20.66 6.73
C LYS A 332 0.58 -19.47 7.69
N LYS A 333 1.27 -18.39 7.34
CA LYS A 333 1.29 -17.16 8.16
C LYS A 333 1.08 -15.92 7.29
N LEU A 334 0.62 -14.86 7.92
CA LEU A 334 0.46 -13.57 7.25
C LEU A 334 1.53 -12.63 7.80
N TYR A 335 2.29 -12.02 6.90
CA TYR A 335 3.31 -11.04 7.23
C TYR A 335 2.83 -9.65 6.79
N LEU A 336 2.80 -8.74 7.75
CA LEU A 336 2.37 -7.35 7.54
C LEU A 336 3.63 -6.46 7.49
N TYR A 337 3.79 -5.69 6.43
CA TYR A 337 4.93 -4.80 6.27
C TYR A 337 4.44 -3.36 6.33
N TYR A 338 5.13 -2.57 7.11
CA TYR A 338 4.70 -1.20 7.36
C TYR A 338 5.85 -0.24 7.51
N GLY A 339 5.56 1.02 7.21
CA GLY A 339 6.49 2.09 7.41
C GLY A 339 6.40 2.42 8.89
N CYS A 340 7.55 2.55 9.53
CA CYS A 340 7.60 2.89 10.94
C CYS A 340 8.37 4.20 11.07
N ALA A 341 7.75 5.16 11.78
CA ALA A 341 8.35 6.47 12.03
C ALA A 341 8.63 7.27 10.75
N ASP A 342 7.85 7.01 9.69
CA ASP A 342 8.07 7.66 8.39
C ASP A 342 9.50 7.51 7.88
N SER A 343 10.21 6.44 8.28
CA SER A 343 11.60 6.32 7.90
C SER A 343 12.15 4.92 7.65
N GLN A 344 11.57 3.90 8.26
CA GLN A 344 12.07 2.54 8.10
C GLN A 344 10.96 1.55 7.76
N VAL A 345 11.33 0.31 7.45
CA VAL A 345 10.33 -0.73 7.19
C VAL A 345 10.39 -1.75 8.33
N ALA A 346 9.21 -2.12 8.83
CA ALA A 346 9.09 -3.12 9.88
C ALA A 346 8.10 -4.20 9.49
N VAL A 347 8.14 -5.29 10.23
CA VAL A 347 7.28 -6.44 9.96
C VAL A 347 6.59 -6.93 11.23
N ALA A 348 5.36 -7.42 11.07
CA ALA A 348 4.59 -8.05 12.16
C ALA A 348 3.94 -9.28 11.53
N VAL A 349 3.73 -10.30 12.33
CA VAL A 349 3.31 -11.61 11.81
C VAL A 349 2.09 -12.18 12.52
N CYS A 350 1.20 -12.79 11.74
CA CYS A 350 -0.03 -13.42 12.24
C CYS A 350 -0.07 -14.89 11.84
N ASP A 351 -0.26 -15.77 12.82
CA ASP A 351 -0.31 -17.21 12.54
C ASP A 351 -1.73 -17.79 12.48
N ASP A 352 -2.75 -16.92 12.57
CA ASP A 352 -4.15 -17.34 12.48
C ASP A 352 -4.70 -17.00 11.09
N VAL A 353 -4.73 -17.99 10.21
CA VAL A 353 -5.12 -17.78 8.80
C VAL A 353 -6.36 -18.56 8.30
N LYS A 354 -7.03 -19.27 9.20
CA LYS A 354 -8.19 -20.07 8.83
C LYS A 354 -9.27 -19.26 8.12
N LYS A 355 -9.51 -18.04 8.58
CA LYS A 355 -10.55 -17.19 7.98
C LYS A 355 -10.35 -16.87 6.49
N LEU A 356 -9.13 -17.05 6.00
CA LEU A 356 -8.82 -16.80 4.58
C LEU A 356 -9.31 -17.88 3.63
N LYS A 357 -9.59 -19.09 4.13
CA LYS A 357 -10.11 -20.18 3.28
C LYS A 357 -11.57 -19.93 2.88
N THR A 358 -11.81 -19.82 1.58
CA THR A 358 -13.16 -19.53 1.07
C THR A 358 -13.33 -20.02 -0.37
O1 UNL B . 2.62 8.55 2.35
O2 UNL B . 1.43 8.46 3.64
O3 UNL B . 2.15 8.95 4.89
O4 UNL B . 3.88 8.32 4.74
O5 UNL B . 2.41 7.88 6.14
O6 UNL B . 3.00 8.48 7.36
CL CL C . -18.06 7.07 7.37
CL CL D . 3.70 -6.97 19.17
#